data_5NCT
#
_entry.id   5NCT
#
_cell.length_a   62.533
_cell.length_b   73.747
_cell.length_c   84.452
_cell.angle_alpha   90.00
_cell.angle_beta   90.00
_cell.angle_gamma   90.00
#
_symmetry.space_group_name_H-M   'P 21 21 21'
#
loop_
_entity.id
_entity.type
_entity.pdbx_description
1 polymer 'Serpin-type proteinase inhibitor, miropin'
2 polymer 'Serpin-type proteinase inhibitor, miropin'
3 non-polymer 'ASPARTIC ACID'
4 non-polymer SERINE
5 non-polymer GLYCEROL
6 water water
#
loop_
_entity_poly.entity_id
_entity_poly.type
_entity_poly.pdbx_seq_one_letter_code
_entity_poly.pdbx_strand_id
1 'polypeptide(L)'
;GPLGSEKIEKDNAFAFDLLQTTRKHVTEANVFISPLSVSMALNMTLNGAAGVTADEMKTALRETGYTMEDINEYSHSLRE
ALLKVDPSTTIGMANSIWYKQGELVKEPFILANRTHYDAEVKAVDFSSPATLPAINGWCAQKTNDKITKILDYIPGNAFM
YLINAVYFKGIWVTQFKKSDTKRAPFRKADGTTQEVNMMAQKSTFGYTTDECCQYLEMDYGNKAFSMIVMLPNEGQTTRD
VIEQLDNKHWSMIIKGIRPTQVSLRMPRFKTECKYGLEKKILPEMGMNVPFTETADFPGITDAAIFISRVIHKTFVQVDE
EGTEAAAVTAVEMVK
;
A
2 'polypeptide(L)' TSSPSTTPINFHINKPFVFAIREKSTGVILFIGEIGEVKE C
#
loop_
_chem_comp.id
_chem_comp.type
_chem_comp.name
_chem_comp.formula
GOL non-polymer GLYCEROL 'C3 H8 O3'
#
# COMPACT_ATOMS: atom_id res chain seq x y z
N ASP A 11 -6.66 -12.28 6.86
CA ASP A 11 -7.70 -11.86 5.94
C ASP A 11 -7.25 -10.67 5.07
N ASN A 12 -6.83 -10.97 3.84
CA ASN A 12 -6.40 -9.93 2.92
C ASN A 12 -7.49 -9.58 1.89
N ALA A 13 -8.77 -9.85 2.21
CA ALA A 13 -9.87 -9.55 1.28
C ALA A 13 -9.86 -8.08 0.86
N PHE A 14 -9.62 -7.15 1.80
CA PHE A 14 -9.58 -5.73 1.44
C PHE A 14 -8.46 -5.46 0.43
N ALA A 15 -7.27 -6.03 0.65
CA ALA A 15 -6.17 -5.80 -0.31
C ALA A 15 -6.54 -6.21 -1.74
N PHE A 16 -7.14 -7.39 -1.88
CA PHE A 16 -7.45 -7.89 -3.22
C PHE A 16 -8.60 -7.14 -3.83
N ASP A 17 -9.62 -6.80 -3.02
CA ASP A 17 -10.75 -6.03 -3.57
C ASP A 17 -10.31 -4.62 -3.94
N LEU A 18 -9.43 -3.99 -3.14
CA LEU A 18 -8.93 -2.67 -3.48
C LEU A 18 -8.09 -2.73 -4.76
N LEU A 19 -7.22 -3.77 -4.91
CA LEU A 19 -6.43 -3.91 -6.13
C LEU A 19 -7.33 -4.08 -7.35
N GLN A 20 -8.32 -4.98 -7.27
CA GLN A 20 -9.21 -5.24 -8.39
C GLN A 20 -9.99 -3.97 -8.77
N THR A 21 -10.53 -3.26 -7.76
CA THR A 21 -11.36 -2.08 -8.04
C THR A 21 -10.50 -0.95 -8.58
N THR A 22 -9.26 -0.82 -8.09
CA THR A 22 -8.36 0.22 -8.58
C THR A 22 -8.02 -0.09 -10.04
N ARG A 23 -7.64 -1.35 -10.34
CA ARG A 23 -7.27 -1.74 -11.68
C ARG A 23 -8.43 -1.50 -12.68
N LYS A 24 -9.68 -1.73 -12.25
CA LYS A 24 -10.85 -1.51 -13.11
C LYS A 24 -11.05 -0.01 -13.46
N HIS A 25 -10.72 0.90 -12.54
CA HIS A 25 -11.03 2.31 -12.72
C HIS A 25 -9.87 3.20 -13.19
N VAL A 26 -8.64 2.68 -13.21
CA VAL A 26 -7.52 3.47 -13.70
C VAL A 26 -7.05 2.88 -15.01
N THR A 27 -6.44 3.71 -15.88
CA THR A 27 -6.04 3.27 -17.21
C THR A 27 -4.53 3.14 -17.40
N GLU A 28 -3.73 3.60 -16.43
CA GLU A 28 -2.26 3.54 -16.55
C GLU A 28 -1.77 2.10 -16.63
N ALA A 29 -0.56 1.89 -17.21
CA ALA A 29 0.00 0.56 -17.33
C ALA A 29 0.35 -0.03 -15.97
N ASN A 30 0.84 0.82 -15.05
CA ASN A 30 1.24 0.34 -13.73
C ASN A 30 0.23 0.71 -12.69
N VAL A 31 0.05 -0.20 -11.70
CA VAL A 31 -0.80 0.04 -10.53
C VAL A 31 0.07 -0.31 -9.34
N PHE A 32 0.06 0.52 -8.30
CA PHE A 32 0.86 0.18 -7.11
C PHE A 32 0.19 0.84 -5.92
N ILE A 33 -0.32 0.02 -5.01
CA ILE A 33 -1.10 0.53 -3.87
C ILE A 33 -0.61 -0.08 -2.57
N SER A 34 -0.90 0.61 -1.47
CA SER A 34 -0.68 0.03 -0.13
C SER A 34 -2.05 -0.11 0.55
N PRO A 35 -2.65 -1.31 0.54
CA PRO A 35 -3.94 -1.48 1.23
C PRO A 35 -3.77 -1.21 2.71
N LEU A 36 -2.59 -1.52 3.28
CA LEU A 36 -2.33 -1.29 4.70
C LEU A 36 -2.45 0.22 5.01
N SER A 37 -1.84 1.07 4.16
CA SER A 37 -1.93 2.51 4.39
C SER A 37 -3.38 3.02 4.29
N VAL A 38 -4.11 2.57 3.27
CA VAL A 38 -5.47 3.06 3.07
C VAL A 38 -6.34 2.64 4.25
N SER A 39 -6.24 1.36 4.68
CA SER A 39 -7.08 0.91 5.78
C SER A 39 -6.72 1.63 7.11
N MET A 40 -5.44 1.97 7.32
CA MET A 40 -5.08 2.66 8.56
C MET A 40 -5.68 4.06 8.59
N ALA A 41 -5.56 4.82 7.47
CA ALA A 41 -6.10 6.19 7.47
C ALA A 41 -7.62 6.16 7.58
N LEU A 42 -8.29 5.22 6.90
CA LEU A 42 -9.75 5.15 7.00
C LEU A 42 -10.22 4.62 8.35
N ASN A 43 -9.45 3.73 8.99
CA ASN A 43 -9.85 3.26 10.34
C ASN A 43 -9.73 4.39 11.37
N MET A 44 -8.73 5.28 11.24
CA MET A 44 -8.66 6.43 12.17
C MET A 44 -9.93 7.26 12.01
N THR A 45 -10.37 7.47 10.76
CA THR A 45 -11.52 8.30 10.43
C THR A 45 -12.82 7.63 10.92
N LEU A 46 -12.89 6.29 10.76
CA LEU A 46 -14.04 5.50 11.17
C LEU A 46 -14.34 5.63 12.68
N ASN A 47 -13.30 5.91 13.50
CA ASN A 47 -13.53 6.12 14.94
C ASN A 47 -14.46 7.33 15.21
N GLY A 48 -14.61 8.22 14.24
CA GLY A 48 -15.50 9.37 14.45
C GLY A 48 -16.86 9.25 13.80
N ALA A 49 -17.11 8.19 13.01
CA ALA A 49 -18.35 8.04 12.25
C ALA A 49 -19.48 7.38 13.03
N ALA A 50 -20.71 7.82 12.74
CA ALA A 50 -21.89 7.20 13.34
C ALA A 50 -22.83 6.70 12.26
N GLY A 51 -23.80 5.89 12.67
CA GLY A 51 -24.86 5.41 11.78
C GLY A 51 -24.41 4.78 10.49
N VAL A 52 -25.12 5.13 9.40
CA VAL A 52 -24.83 4.57 8.08
C VAL A 52 -23.44 5.00 7.60
N THR A 53 -22.96 6.19 8.03
CA THR A 53 -21.62 6.65 7.66
C THR A 53 -20.61 5.58 8.10
N ALA A 54 -20.71 5.14 9.35
CA ALA A 54 -19.81 4.12 9.89
C ALA A 54 -20.02 2.78 9.21
N ASP A 55 -21.30 2.38 9.03
CA ASP A 55 -21.56 1.08 8.45
C ASP A 55 -20.98 0.98 7.05
N GLU A 56 -21.11 2.06 6.25
CA GLU A 56 -20.60 1.99 4.87
C GLU A 56 -19.06 1.96 4.84
N MET A 57 -18.42 2.63 5.81
CA MET A 57 -16.95 2.58 5.87
C MET A 57 -16.51 1.16 6.24
N LYS A 58 -17.20 0.50 7.22
CA LYS A 58 -16.85 -0.87 7.58
C LYS A 58 -17.07 -1.80 6.39
N THR A 59 -18.13 -1.57 5.60
CA THR A 59 -18.37 -2.38 4.41
C THR A 59 -17.21 -2.27 3.42
N ALA A 60 -16.78 -1.03 3.09
CA ALA A 60 -15.70 -0.85 2.11
C ALA A 60 -14.38 -1.43 2.62
N LEU A 61 -14.13 -1.35 3.93
CA LEU A 61 -12.90 -1.86 4.53
C LEU A 61 -12.93 -3.36 4.77
N ARG A 62 -14.08 -4.03 4.47
CA ARG A 62 -14.29 -5.45 4.71
C ARG A 62 -14.16 -5.74 6.22
N GLU A 63 -14.69 -4.83 7.05
CA GLU A 63 -14.64 -4.90 8.51
C GLU A 63 -16.03 -5.04 9.13
N THR A 64 -17.06 -5.27 8.29
CA THR A 64 -18.42 -5.50 8.82
C THR A 64 -18.37 -6.68 9.79
N GLY A 65 -19.05 -6.56 10.93
CA GLY A 65 -19.06 -7.63 11.92
C GLY A 65 -17.97 -7.52 12.98
N TYR A 66 -17.09 -6.52 12.86
CA TYR A 66 -16.08 -6.25 13.88
C TYR A 66 -16.46 -4.98 14.59
N THR A 67 -16.21 -4.93 15.89
CA THR A 67 -16.42 -3.70 16.66
C THR A 67 -15.25 -2.78 16.46
N MET A 68 -15.41 -1.49 16.78
CA MET A 68 -14.30 -0.53 16.72
C MET A 68 -13.21 -0.94 17.70
N GLU A 69 -13.59 -1.47 18.88
CA GLU A 69 -12.62 -1.97 19.86
C GLU A 69 -11.72 -3.03 19.20
N ASP A 70 -12.33 -3.97 18.48
CA ASP A 70 -11.53 -5.02 17.84
C ASP A 70 -10.72 -4.48 16.67
N ILE A 71 -11.28 -3.55 15.88
CA ILE A 71 -10.54 -2.98 14.74
C ILE A 71 -9.34 -2.18 15.24
N ASN A 72 -9.53 -1.38 16.30
CA ASN A 72 -8.44 -0.56 16.84
C ASN A 72 -7.36 -1.43 17.49
N GLU A 73 -7.76 -2.45 18.27
CA GLU A 73 -6.80 -3.35 18.92
C GLU A 73 -6.02 -4.11 17.86
N TYR A 74 -6.68 -4.56 16.78
CA TYR A 74 -5.99 -5.24 15.69
C TYR A 74 -4.98 -4.30 15.03
N SER A 75 -5.41 -3.08 14.69
CA SER A 75 -4.52 -2.11 14.07
C SER A 75 -3.27 -1.84 14.90
N HIS A 76 -3.47 -1.69 16.22
CA HIS A 76 -2.38 -1.43 17.12
CA HIS A 76 -2.37 -1.42 17.15
C HIS A 76 -1.42 -2.63 17.16
N SER A 77 -1.97 -3.85 17.35
CA SER A 77 -1.12 -5.05 17.44
CA SER A 77 -1.15 -5.06 17.43
C SER A 77 -0.37 -5.30 16.13
N LEU A 78 -1.01 -5.02 14.96
CA LEU A 78 -0.41 -5.18 13.65
C LEU A 78 0.79 -4.23 13.50
N ARG A 79 0.58 -2.94 13.81
CA ARG A 79 1.67 -1.97 13.73
C ARG A 79 2.83 -2.39 14.64
N GLU A 80 2.53 -2.81 15.89
CA GLU A 80 3.59 -3.24 16.80
C GLU A 80 4.36 -4.42 16.23
N ALA A 81 3.65 -5.40 15.66
CA ALA A 81 4.32 -6.58 15.13
C ALA A 81 5.22 -6.20 13.95
N LEU A 82 4.68 -5.42 13.00
CA LEU A 82 5.46 -5.06 11.82
C LEU A 82 6.68 -4.20 12.14
N LEU A 83 6.61 -3.35 13.18
CA LEU A 83 7.75 -2.49 13.52
C LEU A 83 8.89 -3.24 14.18
N LYS A 84 8.65 -4.44 14.75
CA LYS A 84 9.75 -5.07 15.46
C LYS A 84 10.14 -6.47 14.95
N VAL A 85 9.43 -7.01 13.95
CA VAL A 85 9.70 -8.39 13.52
C VAL A 85 11.06 -8.55 12.85
N ASP A 86 11.59 -7.48 12.22
CA ASP A 86 12.92 -7.61 11.59
C ASP A 86 13.74 -6.33 11.73
N PRO A 87 14.64 -6.25 12.73
CA PRO A 87 15.48 -5.05 12.87
CA PRO A 87 15.46 -5.04 12.87
C PRO A 87 16.42 -4.83 11.68
N SER A 88 16.61 -5.84 10.82
CA SER A 88 17.49 -5.64 9.65
C SER A 88 16.73 -5.05 8.44
N THR A 89 15.41 -4.83 8.59
CA THR A 89 14.60 -4.17 7.57
C THR A 89 14.14 -2.84 8.16
N THR A 90 14.09 -1.77 7.35
CA THR A 90 13.58 -0.48 7.85
C THR A 90 12.08 -0.44 7.60
N ILE A 91 11.29 -0.25 8.67
CA ILE A 91 9.85 -0.19 8.58
C ILE A 91 9.39 1.08 9.28
N GLY A 92 8.53 1.84 8.62
CA GLY A 92 7.90 3.00 9.21
C GLY A 92 6.39 2.86 9.11
N MET A 93 5.68 3.18 10.21
CA MET A 93 4.20 3.22 10.20
CA MET A 93 4.21 3.14 10.30
C MET A 93 3.83 4.39 11.06
N ALA A 94 3.51 5.50 10.38
CA ALA A 94 3.25 6.76 11.10
C ALA A 94 1.90 7.29 10.77
N ASN A 95 1.27 7.94 11.75
CA ASN A 95 -0.06 8.51 11.51
C ASN A 95 -0.10 9.89 12.09
N SER A 96 -0.86 10.79 11.42
CA SER A 96 -1.01 12.15 11.94
C SER A 96 -2.40 12.68 11.67
N ILE A 97 -2.87 13.58 12.54
CA ILE A 97 -4.18 14.22 12.37
C ILE A 97 -3.94 15.71 12.47
N TRP A 98 -4.40 16.47 11.48
CA TRP A 98 -4.20 17.93 11.40
C TRP A 98 -5.57 18.53 11.36
N TYR A 99 -5.94 19.36 12.33
CA TYR A 99 -7.30 19.90 12.27
C TYR A 99 -7.30 21.42 12.41
N LYS A 100 -8.39 22.04 11.97
CA LYS A 100 -8.54 23.50 11.93
CA LYS A 100 -8.52 23.49 11.93
C LYS A 100 -8.47 24.14 13.34
N GLN A 101 -7.49 25.00 13.53
CA GLN A 101 -7.27 25.76 14.77
C GLN A 101 -8.56 26.49 15.15
N GLY A 102 -8.93 26.39 16.42
CA GLY A 102 -10.13 27.06 16.92
C GLY A 102 -11.38 26.19 16.91
N GLU A 103 -11.33 25.05 16.20
CA GLU A 103 -12.46 24.11 16.14
C GLU A 103 -12.39 23.16 17.31
N LEU A 104 -13.55 22.64 17.72
CA LEU A 104 -13.56 21.70 18.83
C LEU A 104 -13.60 20.29 18.26
N VAL A 105 -12.53 19.53 18.55
CA VAL A 105 -12.40 18.13 18.15
C VAL A 105 -12.49 17.34 19.45
N LYS A 106 -13.37 16.34 19.46
CA LYS A 106 -13.66 15.54 20.66
CA LYS A 106 -13.66 15.57 20.68
C LYS A 106 -12.44 14.79 21.19
N GLU A 107 -12.20 14.88 22.52
CA GLU A 107 -11.05 14.19 23.11
C GLU A 107 -11.11 12.67 22.98
N PRO A 108 -12.26 11.96 23.11
CA PRO A 108 -12.23 10.49 22.99
C PRO A 108 -11.70 10.03 21.62
N PHE A 109 -12.02 10.81 20.58
CA PHE A 109 -11.57 10.50 19.22
C PHE A 109 -10.05 10.72 19.11
N ILE A 110 -9.54 11.86 19.63
CA ILE A 110 -8.10 12.12 19.60
C ILE A 110 -7.36 11.04 20.38
N LEU A 111 -7.85 10.73 21.60
CA LEU A 111 -7.17 9.74 22.46
C LEU A 111 -7.21 8.35 21.87
N ALA A 112 -8.33 7.93 21.21
CA ALA A 112 -8.34 6.61 20.59
C ALA A 112 -7.26 6.53 19.49
N ASN A 113 -7.13 7.62 18.69
CA ASN A 113 -6.19 7.59 17.60
C ASN A 113 -4.74 7.73 18.10
N ARG A 114 -4.51 8.49 19.19
CA ARG A 114 -3.16 8.49 19.77
C ARG A 114 -2.79 7.11 20.30
N THR A 115 -3.76 6.44 20.94
CA THR A 115 -3.46 5.16 21.57
C THR A 115 -3.24 4.03 20.59
N HIS A 116 -4.15 3.86 19.61
CA HIS A 116 -4.05 2.67 18.79
C HIS A 116 -3.29 2.85 17.49
N TYR A 117 -3.08 4.13 17.08
CA TYR A 117 -2.40 4.42 15.83
C TYR A 117 -1.17 5.29 16.06
N ASP A 118 -0.88 5.64 17.33
CA ASP A 118 0.24 6.52 17.66
C ASP A 118 0.13 7.81 16.84
N ALA A 119 -1.11 8.29 16.65
CA ALA A 119 -1.32 9.49 15.86
C ALA A 119 -0.70 10.71 16.50
N GLU A 120 -0.01 11.51 15.67
CA GLU A 120 0.54 12.81 16.04
C GLU A 120 -0.54 13.82 15.71
N VAL A 121 -1.13 14.49 16.72
CA VAL A 121 -2.29 15.36 16.50
C VAL A 121 -1.89 16.81 16.63
N LYS A 122 -2.28 17.61 15.62
CA LYS A 122 -1.89 19.02 15.58
C LYS A 122 -3.06 19.89 15.18
N ALA A 123 -3.29 20.98 15.92
CA ALA A 123 -4.30 21.99 15.55
C ALA A 123 -3.51 23.02 14.74
N VAL A 124 -3.95 23.31 13.51
CA VAL A 124 -3.19 24.17 12.60
C VAL A 124 -4.06 25.22 11.96
N ASP A 125 -3.42 26.34 11.56
CA ASP A 125 -4.11 27.37 10.82
C ASP A 125 -3.98 27.00 9.34
N PHE A 126 -5.07 26.54 8.71
CA PHE A 126 -4.96 26.08 7.32
C PHE A 126 -4.67 27.20 6.34
N SER A 127 -4.82 28.47 6.75
CA SER A 127 -4.54 29.58 5.88
C SER A 127 -3.09 30.02 5.94
N SER A 128 -2.32 29.50 6.89
CA SER A 128 -0.92 29.89 6.97
C SER A 128 -0.10 29.32 5.81
N PRO A 129 0.79 30.12 5.22
CA PRO A 129 1.72 29.58 4.20
C PRO A 129 2.61 28.48 4.75
N ALA A 130 2.71 28.34 6.09
CA ALA A 130 3.53 27.29 6.68
C ALA A 130 2.82 25.91 6.79
N THR A 131 1.49 25.87 6.67
CA THR A 131 0.75 24.64 6.94
C THR A 131 0.95 23.56 5.85
N LEU A 132 0.80 23.89 4.54
CA LEU A 132 1.00 22.89 3.49
CA LEU A 132 1.03 22.90 3.48
C LEU A 132 2.45 22.34 3.57
N PRO A 133 3.52 23.18 3.70
CA PRO A 133 4.86 22.55 3.83
C PRO A 133 5.04 21.78 5.16
N ALA A 134 4.31 22.14 6.26
CA ALA A 134 4.40 21.34 7.48
C ALA A 134 3.83 19.93 7.20
N ILE A 135 2.64 19.84 6.58
CA ILE A 135 2.01 18.56 6.26
C ILE A 135 2.86 17.78 5.24
N ASN A 136 3.22 18.43 4.13
CA ASN A 136 4.02 17.73 3.11
C ASN A 136 5.41 17.36 3.66
N GLY A 137 6.00 18.19 4.52
CA GLY A 137 7.28 17.89 5.13
C GLY A 137 7.19 16.69 6.05
N TRP A 138 6.07 16.54 6.74
CA TRP A 138 5.82 15.39 7.60
C TRP A 138 5.82 14.13 6.73
N CYS A 139 5.14 14.18 5.58
CA CYS A 139 5.10 13.03 4.66
C CYS A 139 6.50 12.68 4.20
N ALA A 140 7.30 13.70 3.84
CA ALA A 140 8.67 13.45 3.38
C ALA A 140 9.49 12.78 4.49
N GLN A 141 9.36 13.29 5.74
CA GLN A 141 10.07 12.75 6.89
C GLN A 141 9.74 11.28 7.15
N LYS A 142 8.49 10.89 6.91
CA LYS A 142 8.04 9.54 7.19
C LYS A 142 8.20 8.60 6.00
N THR A 143 8.76 9.07 4.89
CA THR A 143 8.95 8.20 3.73
C THR A 143 10.35 8.31 3.14
N ASN A 144 11.35 8.70 3.96
CA ASN A 144 12.72 8.90 3.47
C ASN A 144 12.75 9.79 2.20
N ASP A 145 11.89 10.85 2.18
CA ASP A 145 11.79 11.83 1.08
C ASP A 145 11.34 11.20 -0.25
N LYS A 146 10.70 10.01 -0.19
CA LYS A 146 10.23 9.37 -1.43
C LYS A 146 8.86 9.87 -1.83
N ILE A 147 8.02 10.34 -0.86
CA ILE A 147 6.73 10.97 -1.13
C ILE A 147 6.86 12.33 -0.48
N THR A 148 7.11 13.37 -1.29
CA THR A 148 7.43 14.68 -0.74
C THR A 148 6.23 15.59 -0.63
N LYS A 149 5.14 15.23 -1.28
CA LYS A 149 3.91 16.03 -1.24
C LYS A 149 2.74 15.11 -1.25
N ILE A 150 1.77 15.33 -0.38
CA ILE A 150 0.51 14.61 -0.47
C ILE A 150 -0.57 15.58 -0.93
N LEU A 151 -0.39 16.90 -0.66
CA LEU A 151 -1.37 17.90 -1.05
C LEU A 151 -0.75 18.98 -1.88
N ASP A 152 -1.48 19.46 -2.92
CA ASP A 152 -1.01 20.63 -3.68
C ASP A 152 -1.77 21.85 -3.23
N TYR A 153 -2.96 21.64 -2.64
CA TYR A 153 -3.80 22.74 -2.17
C TYR A 153 -4.66 22.26 -1.01
N ILE A 154 -5.09 23.23 -0.19
CA ILE A 154 -6.00 23.03 0.94
C ILE A 154 -7.23 23.83 0.59
N PRO A 155 -8.41 23.20 0.50
CA PRO A 155 -9.62 23.98 0.18
C PRO A 155 -10.03 24.89 1.35
N GLY A 156 -10.75 25.97 1.05
CA GLY A 156 -11.15 26.93 2.08
C GLY A 156 -12.03 26.36 3.19
N ASN A 157 -12.77 25.27 2.89
CA ASN A 157 -13.65 24.62 3.87
C ASN A 157 -12.98 23.44 4.57
N ALA A 158 -11.64 23.33 4.47
CA ALA A 158 -10.92 22.23 5.14
C ALA A 158 -11.18 22.20 6.64
N PHE A 159 -11.37 20.99 7.19
CA PHE A 159 -11.59 20.81 8.60
C PHE A 159 -10.50 19.95 9.23
N MET A 160 -10.17 18.81 8.58
CA MET A 160 -9.21 17.88 9.17
C MET A 160 -8.59 17.01 8.12
N TYR A 161 -7.32 16.66 8.33
CA TYR A 161 -6.61 15.65 7.53
C TYR A 161 -6.22 14.54 8.44
N LEU A 162 -6.50 13.31 8.02
CA LEU A 162 -6.03 12.11 8.75
C LEU A 162 -5.09 11.42 7.78
N ILE A 163 -3.81 11.30 8.17
CA ILE A 163 -2.77 10.87 7.22
C ILE A 163 -1.98 9.73 7.77
N ASN A 164 -1.84 8.69 6.95
CA ASN A 164 -1.00 7.55 7.28
C ASN A 164 0.18 7.52 6.34
N ALA A 165 1.35 7.13 6.84
CA ALA A 165 2.53 6.93 5.97
C ALA A 165 3.16 5.59 6.28
N VAL A 166 3.29 4.71 5.27
CA VAL A 166 3.97 3.40 5.43
C VAL A 166 5.28 3.51 4.69
N TYR A 167 6.36 3.03 5.30
CA TYR A 167 7.66 3.05 4.64
C TYR A 167 8.31 1.69 4.80
N PHE A 168 8.98 1.24 3.73
CA PHE A 168 9.67 -0.04 3.74
C PHE A 168 10.97 0.04 3.00
N LYS A 169 12.06 -0.40 3.63
CA LYS A 169 13.30 -0.53 2.88
C LYS A 169 13.94 -1.84 3.30
N GLY A 170 13.91 -2.81 2.38
CA GLY A 170 14.49 -4.12 2.66
C GLY A 170 15.65 -4.42 1.75
N ILE A 171 16.56 -5.27 2.25
CA ILE A 171 17.73 -5.73 1.51
CA ILE A 171 17.72 -5.72 1.48
C ILE A 171 17.50 -7.20 1.17
N TRP A 172 17.64 -7.60 -0.08
CA TRP A 172 17.45 -9.00 -0.43
C TRP A 172 18.34 -9.91 0.39
N VAL A 173 17.81 -11.10 0.75
CA VAL A 173 18.61 -12.14 1.41
C VAL A 173 19.78 -12.46 0.46
N THR A 174 19.48 -12.58 -0.86
CA THR A 174 20.52 -12.78 -1.87
CA THR A 174 20.49 -12.81 -1.88
C THR A 174 20.43 -11.62 -2.85
N GLN A 175 21.36 -10.71 -2.72
CA GLN A 175 21.36 -9.54 -3.59
C GLN A 175 21.84 -9.88 -4.97
N PHE A 176 21.45 -9.04 -5.93
CA PHE A 176 22.00 -9.12 -7.28
C PHE A 176 23.30 -8.35 -7.32
N LYS A 177 24.21 -8.72 -8.21
CA LYS A 177 25.41 -7.92 -8.46
C LYS A 177 25.13 -7.00 -9.63
N LYS A 178 25.35 -5.67 -9.49
CA LYS A 178 25.09 -4.74 -10.58
CA LYS A 178 25.13 -4.72 -10.58
C LYS A 178 25.94 -5.11 -11.83
N SER A 179 27.11 -5.76 -11.66
CA SER A 179 27.93 -6.17 -12.79
C SER A 179 27.26 -7.25 -13.67
N ASP A 180 26.24 -7.95 -13.13
CA ASP A 180 25.48 -8.98 -13.85
C ASP A 180 24.24 -8.39 -14.52
N THR A 181 23.94 -7.11 -14.25
CA THR A 181 22.77 -6.46 -14.88
C THR A 181 23.12 -6.13 -16.30
N LYS A 182 22.22 -6.51 -17.21
CA LYS A 182 22.46 -6.30 -18.63
C LYS A 182 21.28 -5.62 -19.29
N ARG A 183 21.54 -4.93 -20.39
CA ARG A 183 20.47 -4.34 -21.20
C ARG A 183 19.71 -5.46 -21.90
N ALA A 184 18.38 -5.45 -21.79
CA ALA A 184 17.58 -6.52 -22.40
C ALA A 184 16.18 -6.05 -22.68
N PRO A 185 15.46 -6.74 -23.58
CA PRO A 185 14.08 -6.34 -23.89
C PRO A 185 13.05 -6.73 -22.82
N PHE A 186 12.02 -5.91 -22.72
CA PHE A 186 10.87 -6.14 -21.82
C PHE A 186 9.65 -5.80 -22.66
N ARG A 187 8.67 -6.73 -22.71
CA ARG A 187 7.46 -6.57 -23.49
CA ARG A 187 7.48 -6.45 -23.52
C ARG A 187 6.45 -5.80 -22.64
N LYS A 188 6.07 -4.59 -23.03
CA LYS A 188 5.11 -3.81 -22.25
C LYS A 188 3.68 -4.34 -22.40
N ALA A 189 2.82 -3.91 -21.47
CA ALA A 189 1.41 -4.29 -21.52
C ALA A 189 0.76 -3.82 -22.82
N ASP A 190 1.22 -2.69 -23.37
CA ASP A 190 0.62 -2.19 -24.62
C ASP A 190 1.17 -2.89 -25.89
N GLY A 191 1.99 -3.93 -25.70
CA GLY A 191 2.53 -4.72 -26.80
C GLY A 191 3.85 -4.24 -27.38
N THR A 192 4.26 -3.00 -27.06
CA THR A 192 5.54 -2.49 -27.56
C THR A 192 6.65 -3.04 -26.68
N THR A 193 7.85 -3.14 -27.20
CA THR A 193 8.97 -3.62 -26.39
C THR A 193 9.87 -2.43 -26.06
N GLN A 194 10.47 -2.45 -24.87
CA GLN A 194 11.42 -1.43 -24.46
C GLN A 194 12.70 -2.10 -24.02
N GLU A 195 13.78 -1.34 -23.94
CA GLU A 195 15.03 -1.87 -23.43
C GLU A 195 15.18 -1.47 -21.96
N VAL A 196 15.49 -2.44 -21.09
CA VAL A 196 15.58 -2.20 -19.64
C VAL A 196 16.91 -2.70 -19.07
N ASN A 197 17.14 -2.42 -17.77
CA ASN A 197 18.31 -2.95 -17.07
C ASN A 197 17.85 -4.22 -16.40
N MET A 198 18.20 -5.37 -16.99
CA MET A 198 17.73 -6.65 -16.51
C MET A 198 18.74 -7.26 -15.55
N MET A 199 18.34 -7.29 -14.26
CA MET A 199 19.18 -7.86 -13.20
C MET A 199 19.14 -9.37 -13.33
N ALA A 200 20.18 -10.05 -12.85
CA ALA A 200 20.22 -11.51 -12.95
C ALA A 200 20.97 -12.12 -11.83
N GLN A 201 20.48 -13.26 -11.34
CA GLN A 201 21.18 -14.05 -10.33
C GLN A 201 20.65 -15.47 -10.37
N LYS A 202 21.46 -16.41 -9.87
CA LYS A 202 21.07 -17.82 -9.75
C LYS A 202 21.13 -18.16 -8.28
N SER A 203 19.97 -18.45 -7.67
CA SER A 203 19.92 -18.71 -6.23
C SER A 203 18.77 -19.61 -5.86
N THR A 204 18.68 -19.93 -4.58
CA THR A 204 17.55 -20.67 -4.04
C THR A 204 16.48 -19.65 -3.70
N PHE A 205 15.30 -19.85 -4.28
CA PHE A 205 14.12 -19.00 -3.98
C PHE A 205 12.90 -19.86 -3.75
N GLY A 206 11.88 -19.29 -3.13
CA GLY A 206 10.60 -19.99 -3.03
C GLY A 206 9.95 -19.94 -4.40
N TYR A 207 9.39 -21.06 -4.86
CA TYR A 207 8.80 -21.13 -6.18
C TYR A 207 7.61 -22.08 -6.20
N THR A 208 6.62 -21.75 -7.03
CA THR A 208 5.49 -22.65 -7.31
C THR A 208 4.85 -22.24 -8.63
N THR A 209 3.96 -23.09 -9.14
CA THR A 209 3.25 -22.85 -10.39
C THR A 209 1.83 -23.29 -10.28
N ASP A 210 1.01 -22.82 -11.22
CA ASP A 210 -0.36 -23.29 -11.40
C ASP A 210 -0.65 -23.25 -12.90
N GLU A 211 -1.92 -23.38 -13.30
CA GLU A 211 -2.30 -23.39 -14.72
C GLU A 211 -2.01 -22.06 -15.45
N CYS A 212 -2.00 -20.92 -14.72
CA CYS A 212 -1.81 -19.61 -15.35
C CYS A 212 -0.39 -19.11 -15.28
N CYS A 213 0.27 -19.34 -14.14
CA CYS A 213 1.44 -18.57 -13.79
C CYS A 213 2.54 -19.31 -13.13
N GLN A 214 3.67 -18.61 -13.02
CA GLN A 214 4.80 -19.00 -12.21
C GLN A 214 4.83 -18.02 -11.05
N TYR A 215 5.20 -18.48 -9.85
CA TYR A 215 5.27 -17.64 -8.66
C TYR A 215 6.63 -17.73 -8.01
N LEU A 216 7.19 -16.59 -7.61
CA LEU A 216 8.48 -16.55 -6.93
C LEU A 216 8.34 -15.80 -5.62
N GLU A 217 9.06 -16.26 -4.59
CA GLU A 217 9.11 -15.56 -3.32
C GLU A 217 10.56 -15.18 -3.10
N MET A 218 10.81 -13.88 -2.90
CA MET A 218 12.16 -13.32 -2.69
C MET A 218 12.20 -12.69 -1.31
N ASP A 219 12.97 -13.27 -0.38
CA ASP A 219 12.99 -12.73 0.97
C ASP A 219 13.89 -11.53 1.13
N TYR A 220 13.60 -10.77 2.18
CA TYR A 220 14.45 -9.68 2.64
C TYR A 220 14.96 -10.00 4.03
N GLY A 221 16.06 -9.37 4.40
CA GLY A 221 16.54 -9.36 5.78
C GLY A 221 16.53 -10.68 6.50
N ASN A 222 15.74 -10.79 7.60
CA ASN A 222 15.70 -12.04 8.38
C ASN A 222 14.58 -12.99 7.94
N LYS A 223 14.05 -12.77 6.71
CA LYS A 223 13.01 -13.55 6.06
C LYS A 223 11.59 -13.30 6.62
N ALA A 224 11.39 -12.29 7.47
CA ALA A 224 10.02 -11.96 7.92
C ALA A 224 9.20 -11.34 6.76
N PHE A 225 9.87 -10.50 5.95
CA PHE A 225 9.23 -9.86 4.82
C PHE A 225 9.72 -10.51 3.54
N SER A 226 8.85 -10.51 2.52
CA SER A 226 9.24 -11.03 1.23
C SER A 226 8.45 -10.37 0.14
N MET A 227 8.96 -10.52 -1.08
CA MET A 227 8.22 -10.11 -2.26
C MET A 227 7.73 -11.34 -2.96
N ILE A 228 6.44 -11.33 -3.35
CA ILE A 228 5.87 -12.39 -4.17
C ILE A 228 5.76 -11.85 -5.57
N VAL A 229 6.26 -12.57 -6.57
CA VAL A 229 6.11 -12.17 -7.97
C VAL A 229 5.23 -13.18 -8.68
N MET A 230 4.22 -12.70 -9.39
CA MET A 230 3.30 -13.56 -10.16
C MET A 230 3.54 -13.28 -11.63
N LEU A 231 4.14 -14.24 -12.33
CA LEU A 231 4.49 -14.07 -13.73
C LEU A 231 3.60 -14.95 -14.60
N PRO A 232 2.62 -14.36 -15.30
CA PRO A 232 1.73 -15.18 -16.14
C PRO A 232 2.48 -15.86 -17.25
N ASN A 233 2.06 -17.08 -17.59
CA ASN A 233 2.69 -17.82 -18.67
C ASN A 233 2.43 -17.13 -20.00
N GLU A 234 3.13 -17.54 -21.06
CA GLU A 234 2.91 -16.98 -22.39
C GLU A 234 1.42 -17.12 -22.76
N GLY A 235 0.82 -16.02 -23.19
CA GLY A 235 -0.60 -16.01 -23.58
C GLY A 235 -1.55 -15.70 -22.44
N GLN A 236 -1.04 -15.73 -21.19
CA GLN A 236 -1.85 -15.45 -20.00
C GLN A 236 -1.62 -14.00 -19.62
N THR A 237 -2.58 -13.40 -18.89
CA THR A 237 -2.48 -11.97 -18.59
C THR A 237 -2.49 -11.63 -17.11
N THR A 238 -1.89 -10.48 -16.76
CA THR A 238 -1.93 -9.97 -15.39
C THR A 238 -3.35 -9.54 -15.03
N ARG A 239 -4.16 -9.05 -15.99
CA ARG A 239 -5.55 -8.67 -15.71
C ARG A 239 -6.31 -9.87 -15.15
N ASP A 240 -6.11 -11.07 -15.77
CA ASP A 240 -6.79 -12.28 -15.30
C ASP A 240 -6.29 -12.67 -13.90
N VAL A 241 -4.97 -12.53 -13.64
CA VAL A 241 -4.43 -12.81 -12.30
C VAL A 241 -5.11 -11.93 -11.27
N ILE A 242 -5.18 -10.62 -11.58
CA ILE A 242 -5.78 -9.64 -10.67
C ILE A 242 -7.24 -9.97 -10.42
N GLU A 243 -7.99 -10.29 -11.48
CA GLU A 243 -9.40 -10.57 -11.34
C GLU A 243 -9.68 -11.84 -10.57
N GLN A 244 -8.73 -12.78 -10.55
CA GLN A 244 -8.92 -14.05 -9.84
C GLN A 244 -8.33 -14.05 -8.42
N LEU A 245 -7.56 -13.02 -8.05
CA LEU A 245 -6.98 -13.02 -6.70
C LEU A 245 -8.02 -12.86 -5.59
N ASP A 246 -7.89 -13.69 -4.57
CA ASP A 246 -8.69 -13.65 -3.35
C ASP A 246 -7.94 -14.43 -2.28
N ASN A 247 -8.43 -14.43 -1.04
CA ASN A 247 -7.77 -15.15 0.06
C ASN A 247 -7.45 -16.60 -0.30
N LYS A 248 -8.41 -17.32 -0.95
CA LYS A 248 -8.23 -18.72 -1.31
C LYS A 248 -7.07 -18.87 -2.30
N HIS A 249 -7.04 -18.07 -3.39
CA HIS A 249 -5.96 -18.17 -4.36
CA HIS A 249 -5.97 -18.13 -4.39
C HIS A 249 -4.63 -17.76 -3.76
N TRP A 250 -4.60 -16.70 -2.94
CA TRP A 250 -3.38 -16.26 -2.27
C TRP A 250 -2.84 -17.39 -1.37
N SER A 251 -3.72 -18.02 -0.58
CA SER A 251 -3.34 -19.13 0.29
C SER A 251 -2.74 -20.29 -0.52
N MET A 252 -3.32 -20.60 -1.71
CA MET A 252 -2.83 -21.64 -2.61
CA MET A 252 -2.81 -21.67 -2.55
C MET A 252 -1.40 -21.35 -3.05
N ILE A 253 -1.11 -20.05 -3.33
CA ILE A 253 0.24 -19.66 -3.77
C ILE A 253 1.21 -19.83 -2.61
N ILE A 254 0.90 -19.22 -1.45
CA ILE A 254 1.80 -19.21 -0.30
C ILE A 254 2.13 -20.61 0.18
N LYS A 255 1.12 -21.48 0.30
CA LYS A 255 1.31 -22.83 0.81
C LYS A 255 1.97 -23.75 -0.22
N GLY A 256 1.95 -23.37 -1.49
CA GLY A 256 2.56 -24.14 -2.57
C GLY A 256 4.04 -23.86 -2.77
N ILE A 257 4.53 -22.71 -2.25
CA ILE A 257 5.95 -22.30 -2.40
C ILE A 257 6.90 -23.36 -1.81
N ARG A 258 7.92 -23.74 -2.59
CA ARG A 258 8.96 -24.67 -2.16
C ARG A 258 10.34 -24.09 -2.51
N PRO A 259 11.40 -24.34 -1.70
CA PRO A 259 12.74 -23.86 -2.05
C PRO A 259 13.21 -24.54 -3.33
N THR A 260 13.63 -23.71 -4.30
CA THR A 260 13.97 -24.15 -5.64
C THR A 260 15.18 -23.39 -6.18
N GLN A 261 16.07 -24.07 -6.92
CA GLN A 261 17.17 -23.36 -7.57
C GLN A 261 16.57 -22.65 -8.77
N VAL A 262 16.73 -21.33 -8.84
CA VAL A 262 16.14 -20.55 -9.90
C VAL A 262 17.16 -19.61 -10.55
N SER A 263 17.12 -19.52 -11.89
CA SER A 263 17.87 -18.54 -12.65
C SER A 263 16.92 -17.38 -12.93
N LEU A 264 17.05 -16.33 -12.13
CA LEU A 264 16.16 -15.18 -12.15
C LEU A 264 16.69 -14.04 -13.00
N ARG A 265 15.81 -13.47 -13.85
CA ARG A 265 16.06 -12.25 -14.60
C ARG A 265 14.92 -11.33 -14.20
N MET A 266 15.26 -10.18 -13.63
CA MET A 266 14.26 -9.23 -13.11
C MET A 266 14.66 -7.82 -13.49
N PRO A 267 13.76 -6.99 -14.03
CA PRO A 267 14.16 -5.63 -14.33
C PRO A 267 14.33 -4.78 -13.08
N ARG A 268 15.30 -3.85 -13.13
CA ARG A 268 15.37 -2.76 -12.13
C ARG A 268 14.17 -1.86 -12.50
N PHE A 269 13.29 -1.50 -11.54
CA PHE A 269 12.14 -0.69 -11.96
C PHE A 269 11.71 0.22 -10.84
N LYS A 270 11.02 1.29 -11.22
CA LYS A 270 10.51 2.27 -10.26
C LYS A 270 9.13 2.65 -10.73
N THR A 271 8.23 2.93 -9.80
CA THR A 271 6.94 3.46 -10.24
C THR A 271 6.41 4.34 -9.11
N GLU A 272 5.72 5.41 -9.48
CA GLU A 272 5.08 6.34 -8.54
C GLU A 272 3.68 6.49 -9.00
N CYS A 273 2.72 6.25 -8.11
CA CYS A 273 1.31 6.32 -8.48
C CYS A 273 0.57 7.29 -7.60
N LYS A 274 -0.54 7.83 -8.10
CA LYS A 274 -1.37 8.76 -7.33
C LYS A 274 -2.82 8.44 -7.65
N TYR A 275 -3.65 8.33 -6.62
CA TYR A 275 -5.07 8.01 -6.75
C TYR A 275 -5.95 8.96 -5.95
N GLY A 276 -7.17 9.16 -6.45
CA GLY A 276 -8.24 9.88 -5.75
C GLY A 276 -9.27 8.81 -5.47
N LEU A 277 -9.15 8.11 -4.35
CA LEU A 277 -9.99 6.93 -4.10
C LEU A 277 -11.44 7.24 -3.87
N GLU A 278 -11.77 8.51 -3.61
CA GLU A 278 -13.16 8.91 -3.38
C GLU A 278 -14.00 8.93 -4.64
N LYS A 279 -13.37 9.05 -5.80
CA LYS A 279 -14.13 9.29 -7.02
C LYS A 279 -14.97 8.11 -7.46
N LYS A 280 -14.38 6.93 -7.56
CA LYS A 280 -15.04 5.74 -8.09
C LYS A 280 -14.74 4.48 -7.28
N ILE A 281 -13.51 4.38 -6.76
CA ILE A 281 -13.04 3.14 -6.15
C ILE A 281 -13.72 2.85 -4.81
N LEU A 282 -13.63 3.78 -3.84
CA LEU A 282 -14.28 3.51 -2.55
C LEU A 282 -15.82 3.48 -2.69
N PRO A 283 -16.46 4.33 -3.53
CA PRO A 283 -17.91 4.18 -3.74
C PRO A 283 -18.29 2.76 -4.25
N GLU A 284 -17.49 2.19 -5.19
CA GLU A 284 -17.80 0.84 -5.69
C GLU A 284 -17.64 -0.22 -4.61
N MET A 285 -16.72 0.02 -3.68
CA MET A 285 -16.49 -0.90 -2.58
C MET A 285 -17.55 -0.74 -1.48
N GLY A 286 -18.45 0.24 -1.62
CA GLY A 286 -19.58 0.40 -0.71
C GLY A 286 -19.61 1.66 0.14
N MET A 287 -18.61 2.55 -0.03
CA MET A 287 -18.53 3.76 0.78
C MET A 287 -19.12 4.92 -0.02
N ASN A 288 -20.37 5.30 0.27
CA ASN A 288 -21.04 6.35 -0.48
C ASN A 288 -21.41 7.55 0.38
N VAL A 289 -22.23 7.33 1.43
CA VAL A 289 -22.68 8.40 2.33
C VAL A 289 -21.53 9.24 2.91
N PRO A 290 -20.37 8.66 3.29
CA PRO A 290 -19.31 9.49 3.90
C PRO A 290 -18.76 10.59 3.02
N PHE A 291 -18.95 10.50 1.69
CA PHE A 291 -18.46 11.51 0.74
C PHE A 291 -19.51 12.57 0.43
N THR A 292 -20.60 12.59 1.20
CA THR A 292 -21.71 13.52 1.00
C THR A 292 -22.02 14.33 2.24
N GLU A 293 -22.84 15.40 2.09
CA GLU A 293 -23.25 16.23 3.22
C GLU A 293 -24.14 15.46 4.23
N THR A 294 -24.66 14.27 3.86
CA THR A 294 -25.46 13.50 4.82
C THR A 294 -24.53 12.72 5.77
N ALA A 295 -23.19 12.74 5.54
CA ALA A 295 -22.27 12.04 6.45
C ALA A 295 -22.41 12.58 7.85
N ASP A 296 -22.19 11.71 8.84
CA ASP A 296 -22.28 12.07 10.24
C ASP A 296 -21.06 11.59 10.99
N PHE A 297 -20.30 12.55 11.50
CA PHE A 297 -19.07 12.26 12.25
C PHE A 297 -19.12 12.89 13.66
N PRO A 298 -20.11 12.52 14.49
CA PRO A 298 -20.25 13.15 15.81
C PRO A 298 -19.12 12.79 16.77
N GLY A 299 -18.38 11.73 16.46
CA GLY A 299 -17.24 11.37 17.28
C GLY A 299 -16.09 12.35 17.11
N ILE A 300 -16.08 13.10 15.98
CA ILE A 300 -15.01 14.08 15.73
C ILE A 300 -15.41 15.45 16.21
N THR A 301 -16.63 15.90 15.84
CA THR A 301 -17.04 17.28 16.11
C THR A 301 -18.54 17.38 16.03
N ASP A 302 -19.11 18.49 16.53
CA ASP A 302 -20.54 18.75 16.40
C ASP A 302 -20.83 19.37 15.01
N ALA A 303 -19.80 19.94 14.36
CA ALA A 303 -19.93 20.55 13.04
C ALA A 303 -20.28 19.47 11.99
N ALA A 304 -21.06 19.84 10.96
CA ALA A 304 -21.39 18.90 9.91
C ALA A 304 -20.21 18.85 8.93
N ILE A 305 -19.52 17.69 8.91
CA ILE A 305 -18.37 17.47 8.05
C ILE A 305 -18.55 16.20 7.23
N PHE A 306 -17.77 16.10 6.17
CA PHE A 306 -17.76 14.89 5.34
C PHE A 306 -16.39 14.75 4.68
N ILE A 307 -16.18 13.60 4.02
CA ILE A 307 -14.90 13.35 3.36
C ILE A 307 -14.93 13.87 1.94
N SER A 308 -14.04 14.79 1.63
CA SER A 308 -13.99 15.34 0.27
CA SER A 308 -13.98 15.35 0.29
C SER A 308 -13.03 14.57 -0.64
N ARG A 309 -11.91 14.09 -0.11
CA ARG A 309 -10.93 13.35 -0.90
C ARG A 309 -10.28 12.28 -0.07
N VAL A 310 -9.85 11.20 -0.71
CA VAL A 310 -9.00 10.19 -0.09
C VAL A 310 -7.84 10.05 -1.05
N ILE A 311 -6.72 10.72 -0.74
CA ILE A 311 -5.58 10.79 -1.65
C ILE A 311 -4.62 9.69 -1.29
N HIS A 312 -4.23 8.86 -2.26
CA HIS A 312 -3.28 7.78 -1.98
C HIS A 312 -2.12 7.93 -2.96
N LYS A 313 -0.91 8.05 -2.43
CA LYS A 313 0.27 8.16 -3.28
CA LYS A 313 0.28 8.16 -3.28
C LYS A 313 1.25 7.08 -2.90
N THR A 314 1.92 6.52 -3.89
CA THR A 314 2.87 5.44 -3.59
C THR A 314 4.13 5.59 -4.40
N PHE A 315 5.17 4.88 -3.94
CA PHE A 315 6.48 4.87 -4.55
C PHE A 315 7.07 3.50 -4.37
N VAL A 316 7.76 2.99 -5.41
CA VAL A 316 8.53 1.76 -5.23
C VAL A 316 9.73 1.80 -6.14
N GLN A 317 10.85 1.33 -5.62
CA GLN A 317 12.05 1.13 -6.43
CA GLN A 317 12.08 1.16 -6.38
C GLN A 317 12.62 -0.22 -6.09
N VAL A 318 12.76 -1.05 -7.11
CA VAL A 318 13.36 -2.38 -6.95
C VAL A 318 14.70 -2.33 -7.66
N ASP A 319 15.75 -2.77 -6.98
CA ASP A 319 17.07 -2.77 -7.63
C ASP A 319 17.90 -3.91 -7.09
N GLU A 320 19.20 -3.86 -7.40
CA GLU A 320 20.08 -4.98 -7.07
C GLU A 320 20.20 -5.22 -5.56
N GLU A 321 20.05 -4.20 -4.75
CA GLU A 321 20.22 -4.32 -3.30
C GLU A 321 18.92 -4.80 -2.61
N GLY A 322 17.76 -4.41 -3.12
CA GLY A 322 16.51 -4.75 -2.47
C GLY A 322 15.36 -3.95 -2.98
N THR A 323 14.54 -3.45 -2.05
CA THR A 323 13.35 -2.70 -2.46
C THR A 323 13.10 -1.60 -1.49
N GLU A 324 12.73 -0.43 -1.99
CA GLU A 324 12.32 0.69 -1.14
C GLU A 324 10.91 1.03 -1.58
N ALA A 325 9.96 1.04 -0.67
CA ALA A 325 8.56 1.35 -1.03
C ALA A 325 7.96 2.27 0.01
N ALA A 326 7.07 3.13 -0.44
CA ALA A 326 6.42 4.05 0.50
C ALA A 326 5.00 4.32 0.04
N ALA A 327 4.12 4.63 1.00
CA ALA A 327 2.76 5.03 0.67
C ALA A 327 2.30 6.06 1.64
N VAL A 328 1.49 7.00 1.17
CA VAL A 328 0.84 7.96 2.04
C VAL A 328 -0.63 7.96 1.68
N THR A 329 -1.51 7.95 2.68
CA THR A 329 -2.94 8.11 2.42
C THR A 329 -3.43 9.28 3.25
N ALA A 330 -4.07 10.28 2.61
CA ALA A 330 -4.62 11.39 3.37
C ALA A 330 -6.12 11.43 3.16
N VAL A 331 -6.87 11.43 4.26
CA VAL A 331 -8.32 11.58 4.23
C VAL A 331 -8.58 13.03 4.53
N GLU A 332 -9.22 13.75 3.59
CA GLU A 332 -9.54 15.18 3.75
C GLU A 332 -10.96 15.33 4.15
N MET A 333 -11.19 15.99 5.30
CA MET A 333 -12.52 16.28 5.88
CA MET A 333 -12.55 16.25 5.75
C MET A 333 -12.82 17.73 5.68
N VAL A 334 -14.03 18.07 5.21
CA VAL A 334 -14.41 19.47 5.03
C VAL A 334 -15.74 19.74 5.69
N LYS A 335 -16.03 21.05 5.96
CA LYS A 335 -17.37 21.45 6.36
C LYS A 335 -18.21 21.58 5.11
N SER B 5 22.98 -28.29 -7.08
CA SER B 5 23.04 -29.59 -7.72
C SER B 5 21.96 -29.72 -8.81
N THR B 6 20.70 -29.39 -8.47
CA THR B 6 19.55 -29.46 -9.38
C THR B 6 19.67 -28.36 -10.48
N THR B 7 19.19 -28.68 -11.69
CA THR B 7 19.18 -27.76 -12.84
C THR B 7 18.22 -26.61 -12.52
N PRO B 8 18.63 -25.34 -12.66
CA PRO B 8 17.74 -24.24 -12.26
C PRO B 8 16.54 -24.02 -13.16
N ILE B 9 15.45 -23.55 -12.56
CA ILE B 9 14.23 -23.13 -13.26
C ILE B 9 14.51 -21.73 -13.83
N ASN B 10 14.12 -21.46 -15.07
CA ASN B 10 14.24 -20.10 -15.62
C ASN B 10 13.04 -19.26 -15.19
N PHE B 11 13.27 -18.13 -14.51
CA PHE B 11 12.19 -17.21 -14.11
C PHE B 11 12.60 -15.89 -14.70
N HIS B 12 12.13 -15.64 -15.94
CA HIS B 12 12.56 -14.46 -16.67
CA HIS B 12 12.52 -14.48 -16.76
C HIS B 12 11.43 -13.46 -16.79
N ILE B 13 11.56 -12.37 -16.03
CA ILE B 13 10.51 -11.35 -15.99
C ILE B 13 10.74 -10.38 -17.13
N ASN B 14 10.22 -10.74 -18.32
CA ASN B 14 10.42 -9.89 -19.49
C ASN B 14 9.10 -9.46 -20.09
N LYS B 15 8.07 -9.41 -19.24
CA LYS B 15 6.71 -9.07 -19.62
C LYS B 15 5.95 -8.69 -18.35
N PRO B 16 4.72 -8.17 -18.45
CA PRO B 16 4.04 -7.70 -17.24
C PRO B 16 3.87 -8.75 -16.15
N PHE B 17 3.92 -8.28 -14.90
CA PHE B 17 3.81 -9.17 -13.75
C PHE B 17 3.09 -8.47 -12.63
N VAL B 18 2.57 -9.27 -11.69
CA VAL B 18 1.95 -8.74 -10.49
C VAL B 18 2.94 -9.00 -9.35
N PHE B 19 3.00 -8.12 -8.35
CA PHE B 19 3.91 -8.38 -7.24
C PHE B 19 3.32 -7.84 -5.97
N ALA B 20 3.78 -8.39 -4.85
CA ALA B 20 3.29 -7.95 -3.55
C ALA B 20 4.40 -8.02 -2.56
N ILE B 21 4.39 -7.13 -1.56
CA ILE B 21 5.34 -7.17 -0.42
C ILE B 21 4.50 -7.56 0.76
N ARG B 22 4.86 -8.66 1.40
CA ARG B 22 4.10 -9.20 2.53
C ARG B 22 4.95 -9.44 3.75
N GLU B 23 4.29 -9.61 4.91
CA GLU B 23 5.00 -10.01 6.12
C GLU B 23 4.38 -11.32 6.57
N LYS B 24 5.23 -12.29 6.93
CA LYS B 24 4.77 -13.64 7.13
C LYS B 24 4.07 -13.91 8.44
N SER B 25 4.50 -13.30 9.54
CA SER B 25 3.90 -13.63 10.84
C SER B 25 2.47 -13.08 10.96
N THR B 26 2.20 -11.90 10.39
CA THR B 26 0.86 -11.31 10.39
C THR B 26 0.06 -11.75 9.19
N GLY B 27 0.77 -12.11 8.12
CA GLY B 27 0.23 -12.46 6.82
C GLY B 27 -0.20 -11.25 6.00
N VAL B 28 -0.01 -10.02 6.51
CA VAL B 28 -0.49 -8.80 5.86
CA VAL B 28 -0.51 -8.84 5.81
C VAL B 28 0.27 -8.49 4.56
N ILE B 29 -0.47 -7.96 3.59
CA ILE B 29 0.08 -7.47 2.34
C ILE B 29 0.30 -5.98 2.56
N LEU B 30 1.56 -5.55 2.59
CA LEU B 30 1.85 -4.12 2.78
C LEU B 30 1.65 -3.35 1.50
N PHE B 31 2.05 -3.92 0.35
CA PHE B 31 1.97 -3.28 -0.95
C PHE B 31 1.63 -4.31 -1.97
N ILE B 32 0.93 -3.90 -3.01
CA ILE B 32 0.62 -4.85 -4.11
C ILE B 32 0.43 -4.04 -5.38
N GLY B 33 0.81 -4.62 -6.51
CA GLY B 33 0.65 -3.89 -7.75
C GLY B 33 0.93 -4.72 -8.96
N GLU B 34 0.91 -4.04 -10.10
CA GLU B 34 1.10 -4.63 -11.41
C GLU B 34 2.04 -3.74 -12.17
N ILE B 35 3.04 -4.33 -12.83
CA ILE B 35 3.98 -3.56 -13.66
C ILE B 35 3.74 -3.92 -15.11
N GLY B 36 3.23 -2.98 -15.88
CA GLY B 36 3.05 -3.12 -17.32
C GLY B 36 4.10 -2.35 -18.13
N GLU B 37 4.90 -1.50 -17.48
CA GLU B 37 5.95 -0.69 -18.16
C GLU B 37 7.05 -0.42 -17.14
N VAL B 38 8.30 -0.64 -17.55
CA VAL B 38 9.44 -0.42 -16.66
C VAL B 38 9.88 1.01 -16.78
N LYS B 39 9.99 1.68 -15.64
CA LYS B 39 10.49 3.06 -15.59
C LYS B 39 11.73 3.13 -14.70
N GLU B 40 12.57 4.16 -14.92
CA GLU B 40 13.78 4.42 -14.12
C GLU B 40 13.65 5.76 -13.38
N ASP C . -21.34 24.89 7.14
CA ASP C . -20.42 25.66 6.30
C ASP C . -20.02 24.87 5.05
O ASP C . -18.93 25.09 4.49
CB ASP C . -19.18 26.04 7.11
CG ASP C . -19.40 27.11 8.12
OD1 ASP C . -20.24 26.91 9.03
OD2 ASP C . -18.68 28.13 8.06
N SER D . -20.89 23.97 4.62
CA SER D . -20.64 23.09 3.48
C SER D . -21.81 23.10 2.49
O SER D . -22.16 24.16 1.97
CB SER D . -20.41 21.67 4.00
OG SER D . -19.57 21.68 5.16
C1 GOL E . 11.14 5.39 9.39
O1 GOL E . 11.67 4.27 8.70
C2 GOL E . 10.69 6.46 8.42
O2 GOL E . 10.25 7.59 9.17
C3 GOL E . 11.79 6.87 7.47
O3 GOL E . 11.45 8.07 6.77
C1 GOL F . -10.86 2.71 22.64
O1 GOL F . -9.73 3.51 22.43
C2 GOL F . -11.40 2.28 21.30
O2 GOL F . -10.65 1.19 20.81
C3 GOL F . -12.86 1.88 21.29
O3 GOL F . -13.21 1.52 19.96
#